data_4AZB
#
_entry.id   4AZB
#
_cell.length_a   90.070
_cell.length_b   90.070
_cell.length_c   101.600
_cell.angle_alpha   90.00
_cell.angle_beta   90.00
_cell.angle_gamma   120.00
#
_symmetry.space_group_name_H-M   'P 31 2 1'
#
loop_
_entity.id
_entity.type
_entity.pdbx_description
1 polymer BETA-N-ACETYLHEXOSAMINIDASE
2 non-polymer 'O-(2-ACETAMIDO-2-DEOXY D-GLUCOPYRANOSYLIDENE) AMINO-N-PHENYLCARBAMATE'
3 non-polymer 1,2-ETHANEDIOL
4 non-polymer 'SULFATE ION'
5 water water
#
_entity_poly.entity_id   1
_entity_poly.type   'polypeptide(L)'
_entity_poly.pdbx_seq_one_letter_code
;NEKLAKKKIVSIDAGRKYFSPEQLKEIIDKAKHYGYTDLHLLVGNDGLRFMLDDMSITANGKTYASDDVKRAIEKGTNDY
YNDPNGNHLTESQMTDLINYAKDKGIGLIPTVNSPGHMDAILNAMKELGIQNPNFSYFGKKSARTVDLDNEQAVAFTKAL
IDKYAAYFAKKTEIFNIGLDEYANDATDAKGWSVLQADKYYPNEGYPVKGYEKFIAYANDLARIVKSHGLKPMAFNDGIY
YNSDTSFGSFDKDIIVSMWTGGWGGYDVASSKLLAEKGHQILNTNDAWYYVLGRNADGQGGGNLDQGLNGIKNTPITSVP
KTEGADIPIIGGMVAAWADTPSARYSPSRLFKLMRHFANANAEYFAADYESAEQALNEVPKDLNRYTAESVTAVKEAEKA
IRSLDSNLSRAQQDTIDQAIAKLQETVNNLTLTP
;
_entity_poly.pdbx_strand_id   A
#
# COMPACT_ATOMS: atom_id res chain seq x y z
N ASN A 1 22.43 6.77 13.57
CA ASN A 1 21.31 7.23 14.46
C ASN A 1 20.02 6.43 14.22
N GLU A 2 19.27 6.21 15.30
CA GLU A 2 18.08 5.37 15.28
C GLU A 2 16.94 5.96 14.42
N LYS A 3 16.73 7.28 14.51
CA LYS A 3 15.69 7.97 13.74
C LYS A 3 15.97 7.83 12.24
N LEU A 4 17.20 8.07 11.83
CA LEU A 4 17.61 7.97 10.43
C LEU A 4 17.52 6.57 9.85
N ALA A 5 17.64 5.56 10.71
CA ALA A 5 17.54 4.15 10.31
C ALA A 5 16.10 3.68 10.05
N LYS A 6 15.11 4.46 10.47
CA LYS A 6 13.70 4.14 10.22
C LYS A 6 13.39 4.13 8.73
N LYS A 7 12.34 3.41 8.34
CA LYS A 7 11.84 3.50 6.98
C LYS A 7 10.97 4.75 6.85
N LYS A 8 11.18 5.49 5.76
CA LYS A 8 10.34 6.64 5.40
C LYS A 8 9.84 6.37 3.98
N ILE A 9 8.53 6.22 3.85
CA ILE A 9 7.97 5.64 2.63
C ILE A 9 6.93 6.57 2.02
N VAL A 10 6.97 6.74 0.71
CA VAL A 10 5.87 7.38 -0.01
C VAL A 10 5.03 6.31 -0.70
N SER A 11 3.71 6.41 -0.53
CA SER A 11 2.79 5.46 -1.15
C SER A 11 2.05 6.08 -2.34
N ILE A 12 1.94 5.31 -3.42
CA ILE A 12 1.31 5.74 -4.66
C ILE A 12 0.29 4.69 -5.13
N ASP A 13 -0.95 5.13 -5.32
CA ASP A 13 -2.02 4.25 -5.78
C ASP A 13 -2.00 4.14 -7.31
N ALA A 14 -1.13 3.26 -7.82
CA ALA A 14 -1.15 2.89 -9.24
C ALA A 14 -1.96 1.62 -9.51
N GLY A 15 -2.97 1.40 -8.68
CA GLY A 15 -3.95 0.35 -8.91
C GLY A 15 -5.19 0.96 -9.56
N ARG A 16 -5.73 2.02 -8.95
CA ARG A 16 -6.93 2.67 -9.52
C ARG A 16 -6.60 3.44 -10.81
N LYS A 17 -5.41 4.02 -10.83
CA LYS A 17 -4.99 4.95 -11.88
C LYS A 17 -3.66 4.49 -12.48
N TYR A 18 -3.49 4.68 -13.78
CA TYR A 18 -2.23 4.36 -14.45
C TYR A 18 -1.13 5.41 -14.17
N PHE A 19 0.06 4.93 -13.83
CA PHE A 19 1.26 5.76 -13.72
C PHE A 19 2.31 5.15 -14.65
N SER A 20 2.93 5.99 -15.47
CA SER A 20 3.94 5.53 -16.42
C SER A 20 5.27 5.29 -15.72
N PRO A 21 6.14 4.45 -16.30
CA PRO A 21 7.46 4.26 -15.69
C PRO A 21 8.20 5.59 -15.49
N GLU A 22 8.04 6.51 -16.45
CA GLU A 22 8.66 7.82 -16.38
C GLU A 22 8.16 8.63 -15.18
N GLN A 23 6.85 8.61 -14.95
CA GLN A 23 6.30 9.34 -13.81
C GLN A 23 6.81 8.75 -12.51
N LEU A 24 6.87 7.43 -12.46
CA LEU A 24 7.31 6.74 -11.25
C LEU A 24 8.79 6.96 -10.95
N LYS A 25 9.63 6.99 -12.00
CA LYS A 25 11.05 7.30 -11.82
C LYS A 25 11.24 8.69 -11.25
N GLU A 26 10.43 9.65 -11.74
CA GLU A 26 10.47 11.00 -11.21
C GLU A 26 10.11 11.03 -9.73
N ILE A 27 9.11 10.24 -9.33
CA ILE A 27 8.74 10.10 -7.91
C ILE A 27 9.89 9.50 -7.11
N ILE A 28 10.54 8.47 -7.67
CA ILE A 28 11.70 7.84 -7.05
C ILE A 28 12.84 8.85 -6.83
N ASP A 29 13.10 9.70 -7.83
CA ASP A 29 14.14 10.73 -7.71
C ASP A 29 13.84 11.70 -6.58
N LYS A 30 12.59 12.14 -6.49
CA LYS A 30 12.18 13.05 -5.42
C LYS A 30 12.28 12.37 -4.05
N ALA A 31 11.85 11.11 -3.99
CA ALA A 31 11.94 10.33 -2.76
C ALA A 31 13.37 10.27 -2.25
N LYS A 32 14.30 9.83 -3.10
CA LYS A 32 15.72 9.84 -2.77
C LYS A 32 16.16 11.24 -2.33
N HIS A 33 15.84 12.25 -3.13
CA HIS A 33 16.19 13.64 -2.82
C HIS A 33 15.81 14.06 -1.41
N TYR A 34 14.59 13.68 -0.97
CA TYR A 34 14.06 14.10 0.33
C TYR A 34 14.44 13.22 1.53
N GLY A 35 15.19 12.15 1.29
CA GLY A 35 15.59 11.27 2.40
C GLY A 35 14.68 10.06 2.65
N TYR A 36 13.77 9.78 1.72
CA TYR A 36 12.92 8.57 1.80
C TYR A 36 13.76 7.34 1.53
N THR A 37 13.27 6.18 1.96
CA THR A 37 13.97 4.91 1.76
C THR A 37 13.24 3.95 0.78
N ASP A 38 11.93 4.14 0.62
CA ASP A 38 11.11 3.20 -0.17
C ASP A 38 9.94 3.85 -0.90
N LEU A 39 9.60 3.30 -2.05
CA LEU A 39 8.36 3.59 -2.74
C LEU A 39 7.41 2.41 -2.52
N HIS A 40 6.23 2.71 -1.96
CA HIS A 40 5.18 1.72 -1.78
C HIS A 40 4.21 1.87 -2.96
N LEU A 41 4.21 0.89 -3.85
CA LEU A 41 3.48 1.00 -5.11
C LEU A 41 2.31 0.03 -5.14
N LEU A 42 1.09 0.54 -4.99
CA LEU A 42 -0.06 -0.35 -5.15
C LEU A 42 -0.22 -0.55 -6.63
N VAL A 43 -0.26 -1.81 -7.07
CA VAL A 43 -0.52 -2.09 -8.48
C VAL A 43 -1.83 -2.84 -8.62
N GLY A 44 -2.26 -3.46 -7.53
CA GLY A 44 -3.57 -4.08 -7.43
C GLY A 44 -4.31 -3.36 -6.31
N ASN A 45 -5.29 -2.54 -6.68
CA ASN A 45 -6.08 -1.78 -5.74
C ASN A 45 -7.27 -1.26 -6.55
N ASP A 46 -8.40 -1.95 -6.42
CA ASP A 46 -9.56 -1.87 -7.33
C ASP A 46 -9.12 -2.29 -8.73
N GLY A 47 -8.39 -1.42 -9.42
CA GLY A 47 -7.78 -1.79 -10.69
C GLY A 47 -6.59 -2.72 -10.48
N LEU A 48 -6.20 -3.44 -11.53
CA LEU A 48 -4.97 -4.21 -11.50
C LEU A 48 -4.11 -3.84 -12.69
N ARG A 49 -2.96 -3.23 -12.40
CA ARG A 49 -2.17 -2.51 -13.41
C ARG A 49 -0.70 -2.93 -13.47
N PHE A 50 -0.47 -4.23 -13.33
CA PHE A 50 0.86 -4.82 -13.53
C PHE A 50 0.68 -6.22 -14.12
N MET A 51 1.22 -6.42 -15.32
CA MET A 51 1.06 -7.69 -16.01
C MET A 51 2.41 -8.41 -16.09
N LEU A 52 2.45 -9.64 -15.57
CA LEU A 52 3.62 -10.49 -15.73
C LEU A 52 3.66 -11.06 -17.15
N ASP A 53 4.86 -11.40 -17.62
CA ASP A 53 4.99 -11.98 -18.96
C ASP A 53 4.22 -13.29 -19.05
N ASP A 54 4.35 -14.12 -18.02
CA ASP A 54 3.60 -15.35 -17.92
C ASP A 54 2.55 -15.17 -16.84
N MET A 55 1.29 -15.10 -17.25
CA MET A 55 0.17 -14.93 -16.33
C MET A 55 -0.67 -16.20 -16.22
N SER A 56 -0.11 -17.34 -16.63
CA SER A 56 -0.84 -18.61 -16.49
C SER A 56 -1.07 -18.92 -15.00
N ILE A 57 -2.26 -19.44 -14.71
CA ILE A 57 -2.64 -19.73 -13.34
C ILE A 57 -3.17 -21.14 -13.23
N THR A 58 -2.54 -21.93 -12.35
CA THR A 58 -3.04 -23.26 -12.04
C THR A 58 -3.77 -23.26 -10.71
N ALA A 59 -5.06 -23.56 -10.78
CA ALA A 59 -5.94 -23.63 -9.63
C ALA A 59 -7.19 -24.37 -10.08
N ASN A 60 -7.90 -24.99 -9.13
CA ASN A 60 -9.21 -25.61 -9.40
C ASN A 60 -9.16 -26.84 -10.33
N GLY A 61 -8.00 -27.51 -10.37
CA GLY A 61 -7.81 -28.69 -11.22
C GLY A 61 -7.59 -28.35 -12.69
N LYS A 62 -7.21 -27.11 -12.97
CA LYS A 62 -6.96 -26.67 -14.34
C LYS A 62 -5.93 -25.57 -14.38
N THR A 63 -5.55 -25.21 -15.61
CA THR A 63 -4.64 -24.12 -15.84
C THR A 63 -5.33 -23.13 -16.77
N TYR A 64 -5.48 -21.89 -16.29
CA TYR A 64 -5.99 -20.80 -17.09
C TYR A 64 -4.80 -20.26 -17.86
N ALA A 65 -4.88 -20.30 -19.19
CA ALA A 65 -3.76 -19.92 -20.05
C ALA A 65 -3.42 -18.45 -19.90
N SER A 66 -2.13 -18.14 -20.01
CA SER A 66 -1.59 -16.80 -19.82
C SER A 66 -2.34 -15.75 -20.64
N ASP A 67 -2.46 -16.00 -21.94
CA ASP A 67 -3.18 -15.09 -22.83
C ASP A 67 -4.61 -14.83 -22.38
N ASP A 68 -5.29 -15.88 -21.93
CA ASP A 68 -6.65 -15.75 -21.42
C ASP A 68 -6.69 -14.90 -20.15
N VAL A 69 -5.72 -15.13 -19.27
CA VAL A 69 -5.67 -14.38 -18.00
C VAL A 69 -5.38 -12.91 -18.26
N LYS A 70 -4.42 -12.63 -19.14
CA LYS A 70 -4.08 -11.26 -19.53
C LYS A 70 -5.26 -10.52 -20.12
N ARG A 71 -5.98 -11.18 -21.02
CA ARG A 71 -7.16 -10.57 -21.62
C ARG A 71 -8.20 -10.23 -20.54
N ALA A 72 -8.46 -11.18 -19.65
CA ALA A 72 -9.50 -11.02 -18.64
C ALA A 72 -9.16 -9.91 -17.66
N ILE A 73 -7.88 -9.84 -17.27
CA ILE A 73 -7.43 -8.82 -16.32
C ILE A 73 -7.42 -7.42 -16.92
N GLU A 74 -6.91 -7.31 -18.15
CA GLU A 74 -6.88 -6.04 -18.88
C GLU A 74 -8.28 -5.43 -19.01
N LYS A 75 -9.23 -6.27 -19.41
CA LYS A 75 -10.63 -5.89 -19.53
C LYS A 75 -11.24 -5.61 -18.15
N GLY A 76 -10.93 -6.46 -17.17
CA GLY A 76 -11.43 -6.27 -15.80
C GLY A 76 -11.05 -4.90 -15.28
N THR A 77 -9.79 -4.54 -15.50
CA THR A 77 -9.30 -3.23 -15.10
C THR A 77 -9.99 -2.09 -15.85
N ASN A 78 -10.12 -2.25 -17.17
CA ASN A 78 -10.78 -1.23 -18.01
C ASN A 78 -12.24 -0.99 -17.66
N ASP A 79 -12.94 -2.05 -17.26
CA ASP A 79 -14.33 -1.95 -16.79
C ASP A 79 -14.43 -1.10 -15.53
N TYR A 80 -13.41 -1.19 -14.68
CA TYR A 80 -13.31 -0.31 -13.51
C TYR A 80 -13.06 1.14 -13.96
N TYR A 81 -11.99 1.37 -14.71
CA TYR A 81 -11.69 2.68 -15.32
C TYR A 81 -10.77 2.42 -16.49
N ASN A 82 -11.22 2.72 -17.70
CA ASN A 82 -10.35 2.60 -18.87
C ASN A 82 -9.56 3.89 -19.03
N ASP A 83 -8.37 3.89 -18.42
CA ASP A 83 -7.52 5.07 -18.33
C ASP A 83 -6.86 5.37 -19.69
N PRO A 84 -7.13 6.57 -20.27
CA PRO A 84 -6.49 6.88 -21.57
C PRO A 84 -4.98 6.99 -21.51
N ASN A 85 -4.44 7.15 -20.31
CA ASN A 85 -2.99 7.19 -20.12
C ASN A 85 -2.31 5.82 -20.27
N GLY A 86 -3.04 4.74 -20.04
CA GLY A 86 -2.48 3.39 -20.12
C GLY A 86 -3.25 2.41 -19.25
N ASN A 87 -2.98 1.12 -19.43
CA ASN A 87 -3.69 0.10 -18.67
C ASN A 87 -2.86 -0.53 -17.56
N HIS A 88 -1.64 -0.98 -17.89
CA HIS A 88 -0.79 -1.70 -16.94
C HIS A 88 0.69 -1.51 -17.23
N LEU A 89 1.49 -1.63 -16.18
CA LEU A 89 2.94 -1.78 -16.30
C LEU A 89 3.24 -3.18 -16.82
N THR A 90 4.29 -3.32 -17.63
CA THR A 90 4.73 -4.64 -18.08
C THR A 90 5.84 -5.15 -17.16
N GLU A 91 6.18 -6.42 -17.29
CA GLU A 91 7.23 -7.02 -16.44
C GLU A 91 8.60 -6.37 -16.68
N SER A 92 8.94 -6.11 -17.94
CA SER A 92 10.17 -5.40 -18.28
C SER A 92 10.26 -4.02 -17.62
N GLN A 93 9.16 -3.28 -17.69
CA GLN A 93 9.11 -1.96 -17.07
C GLN A 93 9.28 -2.03 -15.55
N MET A 94 8.63 -3.01 -14.93
CA MET A 94 8.75 -3.17 -13.47
C MET A 94 10.17 -3.59 -13.03
N THR A 95 10.78 -4.52 -13.76
CA THR A 95 12.16 -4.95 -13.46
C THR A 95 13.13 -3.77 -13.55
N ASP A 96 12.99 -2.98 -14.62
CA ASP A 96 13.77 -1.77 -14.80
C ASP A 96 13.52 -0.74 -13.69
N LEU A 97 12.26 -0.55 -13.32
CA LEU A 97 11.88 0.41 -12.29
C LEU A 97 12.49 0.03 -10.94
N ILE A 98 12.33 -1.23 -10.57
CA ILE A 98 12.92 -1.78 -9.33
C ILE A 98 14.45 -1.58 -9.31
N ASN A 99 15.12 -1.86 -10.44
CA ASN A 99 16.57 -1.66 -10.55
C ASN A 99 16.98 -0.20 -10.48
N TYR A 100 16.21 0.65 -11.16
CA TYR A 100 16.44 2.09 -11.12
C TYR A 100 16.32 2.60 -9.69
N ALA A 101 15.30 2.15 -8.98
CA ALA A 101 15.12 2.53 -7.58
C ALA A 101 16.27 2.00 -6.71
N LYS A 102 16.61 0.74 -6.90
CA LYS A 102 17.63 0.08 -6.08
C LYS A 102 19.00 0.76 -6.24
N ASP A 103 19.35 1.10 -7.49
CA ASP A 103 20.60 1.81 -7.78
C ASP A 103 20.68 3.14 -7.06
N LYS A 104 19.53 3.72 -6.73
CA LYS A 104 19.50 4.96 -5.98
C LYS A 104 19.31 4.76 -4.47
N GLY A 105 19.31 3.51 -4.01
CA GLY A 105 19.10 3.22 -2.58
C GLY A 105 17.65 3.35 -2.14
N ILE A 106 16.73 3.15 -3.08
CA ILE A 106 15.30 3.17 -2.80
C ILE A 106 14.72 1.78 -3.04
N GLY A 107 14.07 1.23 -2.01
CA GLY A 107 13.37 -0.05 -2.13
C GLY A 107 11.98 0.10 -2.72
N LEU A 108 11.42 -1.00 -3.22
CA LEU A 108 10.06 -0.95 -3.77
C LEU A 108 9.19 -1.98 -3.08
N ILE A 109 8.03 -1.52 -2.60
CA ILE A 109 7.08 -2.39 -1.91
C ILE A 109 5.78 -2.41 -2.71
N PRO A 110 5.47 -3.56 -3.32
CA PRO A 110 4.24 -3.60 -4.08
C PRO A 110 3.03 -3.96 -3.19
N THR A 111 1.86 -3.55 -3.64
CA THR A 111 0.59 -4.06 -3.10
C THR A 111 -0.22 -4.67 -4.23
N VAL A 112 -0.70 -5.89 -4.00
CA VAL A 112 -1.76 -6.49 -4.82
C VAL A 112 -2.87 -6.82 -3.83
N ASN A 113 -3.91 -5.98 -3.80
CA ASN A 113 -4.92 -6.03 -2.74
C ASN A 113 -5.92 -7.16 -2.92
N SER A 114 -6.27 -7.79 -1.79
CA SER A 114 -7.38 -8.76 -1.67
C SER A 114 -7.62 -8.88 -0.16
N PRO A 115 -8.78 -9.45 0.28
CA PRO A 115 -9.92 -9.89 -0.51
C PRO A 115 -10.89 -8.76 -0.83
N GLY A 116 -10.59 -7.55 -0.36
CA GLY A 116 -11.30 -6.35 -0.81
C GLY A 116 -10.52 -5.63 -1.89
N HIS A 117 -11.05 -4.48 -2.35
CA HIS A 117 -10.35 -3.66 -3.36
C HIS A 117 -9.76 -4.47 -4.50
N MET A 118 -10.55 -5.39 -5.05
CA MET A 118 -10.07 -6.26 -6.10
C MET A 118 -11.08 -6.40 -7.24
N ASP A 119 -11.77 -5.30 -7.53
CA ASP A 119 -12.68 -5.18 -8.68
C ASP A 119 -12.18 -5.90 -9.93
N ALA A 120 -10.98 -5.55 -10.38
CA ALA A 120 -10.44 -6.11 -11.64
C ALA A 120 -10.26 -7.62 -11.62
N ILE A 121 -9.73 -8.15 -10.51
CA ILE A 121 -9.53 -9.60 -10.38
C ILE A 121 -10.88 -10.35 -10.38
N LEU A 122 -11.87 -9.80 -9.67
CA LEU A 122 -13.22 -10.38 -9.68
C LEU A 122 -13.81 -10.39 -11.09
N ASN A 123 -13.71 -9.25 -11.77
CA ASN A 123 -14.12 -9.12 -13.17
C ASN A 123 -13.44 -10.17 -14.04
N ALA A 124 -12.13 -10.30 -13.89
CA ALA A 124 -11.33 -11.28 -14.63
C ALA A 124 -11.78 -12.71 -14.39
N MET A 125 -12.02 -13.05 -13.13
CA MET A 125 -12.40 -14.40 -12.75
C MET A 125 -13.73 -14.82 -13.39
N LYS A 126 -14.67 -13.86 -13.45
N LYS A 126 -14.67 -13.88 -13.48
CA LYS A 126 -15.96 -14.03 -14.12
CA LYS A 126 -15.96 -14.13 -14.12
C LYS A 126 -15.79 -14.36 -15.60
C LYS A 126 -15.82 -14.36 -15.63
N GLU A 127 -14.93 -13.61 -16.28
CA GLU A 127 -14.66 -13.81 -17.72
C GLU A 127 -14.03 -15.19 -17.95
N LEU A 128 -13.13 -15.57 -17.05
CA LEU A 128 -12.46 -16.85 -17.09
C LEU A 128 -13.34 -18.06 -16.72
N GLY A 129 -14.60 -17.80 -16.35
CA GLY A 129 -15.56 -18.87 -16.11
C GLY A 129 -15.85 -19.21 -14.66
N ILE A 130 -15.32 -18.42 -13.74
CA ILE A 130 -15.59 -18.62 -12.31
C ILE A 130 -16.90 -17.89 -11.93
N GLN A 131 -17.88 -18.66 -11.47
CA GLN A 131 -19.23 -18.16 -11.20
C GLN A 131 -19.31 -17.42 -9.87
N ASN A 132 -20.00 -16.29 -9.89
CA ASN A 132 -20.33 -15.55 -8.67
C ASN A 132 -19.16 -15.41 -7.69
N PRO A 133 -18.04 -14.83 -8.15
CA PRO A 133 -16.93 -14.66 -7.23
C PRO A 133 -17.20 -13.59 -6.18
N ASN A 134 -18.12 -12.67 -6.47
CA ASN A 134 -18.36 -11.51 -5.62
C ASN A 134 -19.10 -11.86 -4.33
N PHE A 135 -18.65 -11.29 -3.22
CA PHE A 135 -19.42 -11.25 -1.97
C PHE A 135 -20.70 -10.43 -2.15
N SER A 136 -21.81 -10.97 -1.63
CA SER A 136 -23.08 -10.25 -1.63
C SER A 136 -23.57 -10.10 -0.19
N TYR A 137 -24.19 -8.97 0.11
CA TYR A 137 -24.72 -8.72 1.43
C TYR A 137 -26.19 -8.39 1.32
N PHE A 138 -27.03 -9.34 1.74
CA PHE A 138 -28.48 -9.24 1.66
C PHE A 138 -28.94 -8.69 0.31
N GLY A 139 -28.50 -9.35 -0.75
CA GLY A 139 -28.89 -8.96 -2.10
C GLY A 139 -27.96 -7.94 -2.74
N LYS A 140 -27.28 -7.13 -1.93
CA LYS A 140 -26.35 -6.14 -2.48
C LYS A 140 -24.97 -6.74 -2.75
N LYS A 141 -24.62 -6.81 -4.03
CA LYS A 141 -23.37 -7.40 -4.48
C LYS A 141 -22.21 -6.40 -4.37
N SER A 142 -21.12 -6.84 -3.72
CA SER A 142 -19.90 -6.05 -3.67
C SER A 142 -19.18 -6.11 -5.01
N ALA A 143 -18.81 -4.95 -5.54
CA ALA A 143 -18.03 -4.90 -6.77
C ALA A 143 -16.55 -5.17 -6.53
N ARG A 144 -16.13 -5.06 -5.27
CA ARG A 144 -14.71 -4.99 -4.91
C ARG A 144 -14.21 -6.18 -4.11
N THR A 145 -15.11 -7.02 -3.63
CA THR A 145 -14.75 -8.00 -2.59
C THR A 145 -15.10 -9.45 -2.93
N VAL A 146 -14.12 -10.34 -2.83
CA VAL A 146 -14.35 -11.77 -3.10
C VAL A 146 -15.10 -12.45 -1.95
N ASP A 147 -16.02 -13.34 -2.32
CA ASP A 147 -16.74 -14.20 -1.39
C ASP A 147 -15.83 -15.33 -0.95
N LEU A 148 -15.59 -15.40 0.35
CA LEU A 148 -14.65 -16.39 0.92
C LEU A 148 -15.23 -17.80 0.97
N ASP A 149 -16.55 -17.93 0.73
CA ASP A 149 -17.21 -19.22 0.57
C ASP A 149 -17.00 -19.81 -0.82
N ASN A 150 -16.62 -18.95 -1.77
CA ASN A 150 -16.38 -19.38 -3.14
C ASN A 150 -14.98 -19.95 -3.30
N GLU A 151 -14.89 -21.28 -3.20
N GLU A 151 -14.85 -21.27 -3.26
CA GLU A 151 -13.61 -21.98 -3.13
CA GLU A 151 -13.53 -21.88 -3.25
C GLU A 151 -12.75 -21.75 -4.35
C GLU A 151 -12.75 -21.72 -4.56
N GLN A 152 -13.39 -21.74 -5.51
N GLN A 152 -13.46 -21.77 -5.68
CA GLN A 152 -12.67 -21.58 -6.77
CA GLN A 152 -12.78 -21.56 -6.97
C GLN A 152 -12.13 -20.15 -6.93
C GLN A 152 -12.20 -20.14 -7.08
N ALA A 153 -12.93 -19.17 -6.56
CA ALA A 153 -12.51 -17.76 -6.59
C ALA A 153 -11.35 -17.50 -5.62
N VAL A 154 -11.44 -18.07 -4.42
CA VAL A 154 -10.37 -17.99 -3.43
C VAL A 154 -9.07 -18.65 -3.93
N ALA A 155 -9.18 -19.85 -4.49
CA ALA A 155 -8.01 -20.56 -4.98
C ALA A 155 -7.32 -19.84 -6.14
N PHE A 156 -8.12 -19.25 -7.04
CA PHE A 156 -7.55 -18.47 -8.14
C PHE A 156 -6.83 -17.24 -7.59
N THR A 157 -7.47 -16.54 -6.66
CA THR A 157 -6.90 -15.31 -6.09
C THR A 157 -5.57 -15.62 -5.39
N LYS A 158 -5.54 -16.69 -4.60
CA LYS A 158 -4.33 -17.11 -3.92
C LYS A 158 -3.20 -17.42 -4.90
N ALA A 159 -3.56 -18.06 -6.01
CA ALA A 159 -2.58 -18.45 -7.01
C ALA A 159 -2.03 -17.22 -7.74
N LEU A 160 -2.89 -16.22 -7.97
CA LEU A 160 -2.45 -14.97 -8.56
C LEU A 160 -1.44 -14.23 -7.66
N ILE A 161 -1.74 -14.14 -6.37
CA ILE A 161 -0.81 -13.54 -5.40
C ILE A 161 0.53 -14.28 -5.40
N ASP A 162 0.47 -15.61 -5.37
CA ASP A 162 1.66 -16.45 -5.42
C ASP A 162 2.50 -16.16 -6.66
N LYS A 163 1.83 -16.01 -7.80
CA LYS A 163 2.47 -15.66 -9.07
C LYS A 163 3.21 -14.32 -8.99
N TYR A 164 2.53 -13.30 -8.42
CA TYR A 164 3.18 -12.00 -8.21
C TYR A 164 4.32 -12.10 -7.22
N ALA A 165 4.09 -12.82 -6.12
CA ALA A 165 5.12 -13.00 -5.09
C ALA A 165 6.36 -13.69 -5.65
N ALA A 166 6.17 -14.65 -6.56
CA ALA A 166 7.30 -15.35 -7.19
C ALA A 166 8.14 -14.39 -8.03
N TYR A 167 7.46 -13.43 -8.67
CA TYR A 167 8.15 -12.40 -9.45
C TYR A 167 8.94 -11.42 -8.57
N PHE A 168 8.30 -10.94 -7.49
CA PHE A 168 8.90 -9.94 -6.61
C PHE A 168 9.98 -10.51 -5.66
N ALA A 169 10.00 -11.83 -5.50
CA ALA A 169 11.06 -12.53 -4.75
C ALA A 169 12.44 -12.06 -5.20
N LYS A 170 13.33 -11.81 -4.25
CA LYS A 170 14.74 -11.39 -4.53
C LYS A 170 14.90 -9.96 -5.09
N LYS A 171 13.80 -9.35 -5.51
CA LYS A 171 13.88 -8.00 -6.05
C LYS A 171 13.42 -6.98 -5.00
N THR A 172 12.72 -7.48 -4.00
CA THR A 172 12.04 -6.65 -3.01
C THR A 172 12.14 -7.36 -1.65
N GLU A 173 11.71 -6.70 -0.58
N GLU A 173 11.68 -6.69 -0.60
N GLU A 173 11.70 -6.66 -0.60
CA GLU A 173 11.73 -7.34 0.74
CA GLU A 173 11.76 -7.24 0.75
CA GLU A 173 11.79 -7.13 0.79
C GLU A 173 10.35 -7.45 1.38
C GLU A 173 10.37 -7.44 1.37
C GLU A 173 10.41 -7.38 1.41
N ILE A 174 9.46 -6.51 1.08
CA ILE A 174 8.09 -6.54 1.65
C ILE A 174 7.03 -6.61 0.56
N PHE A 175 5.99 -7.41 0.80
CA PHE A 175 4.83 -7.54 -0.11
C PHE A 175 3.57 -7.24 0.70
N ASN A 176 2.85 -6.19 0.31
CA ASN A 176 1.63 -5.80 1.01
C ASN A 176 0.45 -6.56 0.41
N ILE A 177 -0.18 -7.40 1.22
CA ILE A 177 -1.36 -8.14 0.78
C ILE A 177 -2.64 -7.34 1.00
N GLY A 178 -2.53 -6.18 1.65
CA GLY A 178 -3.65 -5.23 1.73
C GLY A 178 -4.60 -5.56 2.86
N LEU A 179 -5.66 -6.31 2.54
CA LEU A 179 -6.67 -6.75 3.52
C LEU A 179 -7.57 -5.66 4.10
N ASP A 180 -7.51 -4.44 3.56
CA ASP A 180 -8.37 -3.37 4.10
C ASP A 180 -9.82 -3.48 3.59
N GLU A 181 -10.74 -3.08 4.47
CA GLU A 181 -12.09 -2.65 4.05
C GLU A 181 -12.92 -3.69 3.31
N TYR A 182 -13.04 -4.86 3.91
CA TYR A 182 -13.84 -5.95 3.36
C TYR A 182 -15.26 -5.52 3.02
N ALA A 183 -15.64 -5.67 1.75
CA ALA A 183 -17.02 -5.38 1.29
C ALA A 183 -17.53 -4.00 1.72
N ASN A 184 -16.68 -2.99 1.61
N ASN A 184 -16.67 -2.99 1.63
CA ASN A 184 -17.03 -1.65 2.07
CA ASN A 184 -17.01 -1.63 2.05
C ASN A 184 -18.12 -0.96 1.26
C ASN A 184 -18.22 -1.12 1.29
N ASP A 185 -18.22 -1.31 -0.03
CA ASP A 185 -19.32 -0.84 -0.88
C ASP A 185 -20.66 -1.48 -0.49
N ALA A 186 -20.69 -2.81 -0.40
CA ALA A 186 -21.92 -3.56 -0.15
C ALA A 186 -22.46 -3.52 1.29
N THR A 187 -21.62 -3.11 2.25
CA THR A 187 -22.04 -3.11 3.65
C THR A 187 -22.10 -1.72 4.27
N ASP A 188 -21.89 -0.70 3.43
N ASP A 188 -21.90 -0.68 3.46
CA ASP A 188 -21.73 0.68 3.88
CA ASP A 188 -21.76 0.71 3.94
C ASP A 188 -20.63 0.78 4.95
C ASP A 188 -20.60 0.83 4.94
N ALA A 189 -19.45 0.26 4.59
CA ALA A 189 -18.25 0.27 5.45
C ALA A 189 -18.46 -0.39 6.82
N LYS A 190 -19.13 -1.54 6.83
CA LYS A 190 -19.40 -2.30 8.05
C LYS A 190 -18.95 -3.75 7.90
N GLY A 191 -18.02 -3.98 6.98
CA GLY A 191 -17.64 -5.33 6.57
C GLY A 191 -17.14 -6.26 7.67
N TRP A 192 -16.32 -5.74 8.58
CA TRP A 192 -15.74 -6.58 9.64
C TRP A 192 -16.80 -6.98 10.67
N SER A 193 -17.66 -6.04 11.06
CA SER A 193 -18.82 -6.34 11.90
C SER A 193 -19.67 -7.43 11.27
N VAL A 194 -19.90 -7.29 9.97
CA VAL A 194 -20.68 -8.26 9.20
C VAL A 194 -20.06 -9.66 9.21
N LEU A 195 -18.75 -9.72 9.00
CA LEU A 195 -18.03 -11.01 9.03
C LEU A 195 -18.05 -11.66 10.43
N GLN A 196 -18.05 -10.85 11.47
CA GLN A 196 -18.09 -11.34 12.86
C GLN A 196 -19.52 -11.61 13.38
N ALA A 197 -20.52 -11.10 12.68
CA ALA A 197 -21.88 -11.05 13.24
C ALA A 197 -22.50 -12.42 13.54
N ASP A 198 -22.36 -13.36 12.60
CA ASP A 198 -23.02 -14.67 12.74
C ASP A 198 -22.65 -15.37 14.05
N LYS A 199 -21.42 -15.20 14.49
CA LYS A 199 -20.96 -15.81 15.74
C LYS A 199 -21.77 -15.37 16.95
N TYR A 200 -22.14 -14.08 16.99
CA TYR A 200 -22.81 -13.53 18.15
C TYR A 200 -24.31 -13.35 17.93
N TYR A 201 -24.73 -13.29 16.67
CA TYR A 201 -26.16 -13.16 16.31
C TYR A 201 -26.54 -14.21 15.28
N PRO A 202 -26.61 -15.50 15.70
CA PRO A 202 -26.87 -16.59 14.75
C PRO A 202 -28.29 -16.59 14.15
N ASN A 203 -28.44 -17.31 13.05
CA ASN A 203 -29.70 -17.47 12.30
C ASN A 203 -30.36 -16.16 11.90
N GLU A 204 -29.55 -15.23 11.39
CA GLU A 204 -30.06 -13.92 11.01
C GLU A 204 -29.64 -13.54 9.59
N GLY A 205 -29.08 -14.51 8.87
CA GLY A 205 -28.60 -14.28 7.50
C GLY A 205 -27.18 -13.75 7.36
N TYR A 206 -26.43 -13.69 8.46
CA TYR A 206 -25.02 -13.24 8.43
C TYR A 206 -24.08 -14.36 7.97
N PRO A 207 -22.95 -13.98 7.30
CA PRO A 207 -22.02 -14.96 6.78
C PRO A 207 -21.46 -15.90 7.85
N VAL A 208 -21.77 -17.19 7.71
CA VAL A 208 -21.32 -18.22 8.64
C VAL A 208 -19.80 -18.35 8.57
N LYS A 209 -19.15 -18.24 9.72
CA LYS A 209 -17.69 -18.27 9.83
C LYS A 209 -17.01 -17.22 8.95
N GLY A 210 -17.72 -16.12 8.68
CA GLY A 210 -17.19 -15.05 7.83
C GLY A 210 -15.80 -14.60 8.25
N TYR A 211 -15.66 -14.15 9.50
CA TYR A 211 -14.37 -13.60 9.96
C TYR A 211 -13.33 -14.69 10.18
N GLU A 212 -13.77 -15.84 10.67
N GLU A 212 -13.74 -15.85 10.69
CA GLU A 212 -12.90 -17.01 10.83
CA GLU A 212 -12.85 -17.02 10.82
C GLU A 212 -12.22 -17.36 9.51
C GLU A 212 -12.18 -17.33 9.49
N LYS A 213 -12.98 -17.34 8.43
CA LYS A 213 -12.48 -17.60 7.08
C LYS A 213 -11.54 -16.49 6.60
N PHE A 214 -11.86 -15.24 6.95
CA PHE A 214 -10.96 -14.13 6.63
C PHE A 214 -9.61 -14.33 7.30
N ILE A 215 -9.62 -14.71 8.58
CA ILE A 215 -8.40 -14.99 9.30
C ILE A 215 -7.56 -16.07 8.59
N ALA A 216 -8.20 -17.18 8.21
CA ALA A 216 -7.50 -18.27 7.53
C ALA A 216 -6.92 -17.79 6.21
N TYR A 217 -7.70 -16.97 5.51
CA TYR A 217 -7.30 -16.43 4.22
C TYR A 217 -6.09 -15.53 4.37
N ALA A 218 -6.12 -14.62 5.34
CA ALA A 218 -5.02 -13.70 5.56
C ALA A 218 -3.70 -14.44 5.85
N ASN A 219 -3.81 -15.46 6.70
CA ASN A 219 -2.65 -16.24 7.12
C ASN A 219 -2.10 -17.10 5.99
N ASP A 220 -2.99 -17.61 5.15
CA ASP A 220 -2.53 -18.38 3.97
C ASP A 220 -1.76 -17.48 2.99
N LEU A 221 -2.26 -16.27 2.76
CA LEU A 221 -1.51 -15.30 1.96
C LEU A 221 -0.16 -14.97 2.61
N ALA A 222 -0.15 -14.85 3.93
CA ALA A 222 1.10 -14.58 4.63
C ALA A 222 2.12 -15.72 4.41
N ARG A 223 1.67 -16.97 4.50
CA ARG A 223 2.54 -18.12 4.23
C ARG A 223 3.03 -18.11 2.78
N ILE A 224 2.13 -17.83 1.85
CA ILE A 224 2.48 -17.75 0.41
C ILE A 224 3.61 -16.74 0.14
N VAL A 225 3.47 -15.53 0.70
CA VAL A 225 4.44 -14.45 0.55
C VAL A 225 5.79 -14.85 1.16
N LYS A 226 5.75 -15.40 2.37
CA LYS A 226 6.95 -15.82 3.08
C LYS A 226 7.67 -16.98 2.38
N SER A 227 6.91 -17.81 1.65
CA SER A 227 7.50 -18.92 0.89
C SER A 227 8.41 -18.43 -0.24
N HIS A 228 8.29 -17.14 -0.57
CA HIS A 228 9.15 -16.53 -1.58
C HIS A 228 10.17 -15.60 -0.93
N GLY A 229 10.37 -15.77 0.38
CA GLY A 229 11.39 -15.02 1.12
C GLY A 229 10.97 -13.59 1.40
N LEU A 230 9.68 -13.32 1.27
CA LEU A 230 9.17 -11.98 1.42
C LEU A 230 8.44 -11.81 2.77
N LYS A 231 8.52 -10.61 3.32
CA LYS A 231 7.78 -10.26 4.52
C LYS A 231 6.39 -9.72 4.16
N PRO A 232 5.32 -10.33 4.72
CA PRO A 232 3.98 -9.84 4.40
C PRO A 232 3.63 -8.58 5.19
N MET A 233 2.95 -7.64 4.52
CA MET A 233 2.37 -6.48 5.18
C MET A 233 0.88 -6.41 4.88
N ALA A 234 0.12 -5.76 5.76
CA ALA A 234 -1.31 -5.61 5.58
C ALA A 234 -1.80 -4.38 6.34
N PHE A 235 -2.91 -3.79 5.88
CA PHE A 235 -3.53 -2.66 6.54
C PHE A 235 -4.20 -3.12 7.83
N ASN A 236 -4.31 -2.23 8.81
CA ASN A 236 -4.70 -2.65 10.18
C ASN A 236 -6.17 -2.97 10.42
N ASP A 237 -7.09 -2.41 9.62
CA ASP A 237 -8.48 -2.33 10.07
C ASP A 237 -9.16 -3.67 10.34
N GLY A 238 -8.85 -4.68 9.54
CA GLY A 238 -9.41 -6.02 9.73
C GLY A 238 -8.66 -6.92 10.68
N ILE A 239 -7.57 -6.42 11.27
CA ILE A 239 -6.72 -7.26 12.12
C ILE A 239 -7.14 -7.18 13.58
N TYR A 240 -7.62 -8.32 14.10
CA TYR A 240 -8.32 -8.39 15.38
C TYR A 240 -9.37 -7.28 15.51
N TYR A 241 -10.24 -7.19 14.52
CA TYR A 241 -11.29 -6.17 14.53
C TYR A 241 -12.10 -6.27 15.82
N ASN A 242 -12.47 -5.11 16.37
CA ASN A 242 -13.20 -5.02 17.65
C ASN A 242 -12.39 -5.60 18.80
N SER A 243 -11.07 -5.71 18.60
CA SER A 243 -10.15 -6.29 19.58
C SER A 243 -10.51 -7.75 19.95
N ASP A 244 -11.15 -8.46 19.02
CA ASP A 244 -11.71 -9.78 19.30
C ASP A 244 -10.71 -10.84 18.89
N THR A 245 -10.24 -11.60 19.88
CA THR A 245 -9.20 -12.61 19.67
C THR A 245 -9.82 -14.01 19.61
N SER A 246 -11.15 -14.09 19.72
CA SER A 246 -11.86 -15.36 19.86
C SER A 246 -12.19 -16.06 18.52
N PHE A 247 -11.85 -15.42 17.40
CA PHE A 247 -12.10 -15.98 16.07
C PHE A 247 -10.89 -16.76 15.54
N GLY A 248 -9.74 -16.56 16.18
CA GLY A 248 -8.47 -17.09 15.69
C GLY A 248 -7.37 -16.06 15.84
N SER A 249 -6.18 -16.41 15.37
CA SER A 249 -4.99 -15.57 15.49
C SER A 249 -4.45 -15.17 14.13
N PHE A 250 -3.73 -14.05 14.11
CA PHE A 250 -3.00 -13.62 12.92
C PHE A 250 -1.52 -13.97 13.05
N ASP A 251 -0.95 -14.41 11.95
CA ASP A 251 0.50 -14.66 11.85
C ASP A 251 1.27 -13.39 12.23
N LYS A 252 2.18 -13.53 13.21
CA LYS A 252 3.01 -12.42 13.75
C LYS A 252 3.95 -11.75 12.76
N ASP A 253 4.26 -12.44 11.66
CA ASP A 253 5.14 -11.87 10.65
C ASP A 253 4.42 -10.82 9.79
N ILE A 254 3.10 -10.71 9.92
CA ILE A 254 2.38 -9.66 9.21
C ILE A 254 2.74 -8.28 9.80
N ILE A 255 3.47 -7.50 9.03
CA ILE A 255 3.77 -6.12 9.38
C ILE A 255 2.45 -5.38 9.20
N VAL A 256 2.09 -4.56 10.17
CA VAL A 256 0.82 -3.82 10.10
C VAL A 256 1.05 -2.39 9.63
N SER A 257 0.47 -2.06 8.48
CA SER A 257 0.38 -0.67 8.04
C SER A 257 -0.78 -0.05 8.81
N MET A 258 -0.47 0.73 9.83
CA MET A 258 -1.47 1.27 10.75
C MET A 258 -1.96 2.61 10.20
N TRP A 259 -3.08 2.59 9.49
CA TRP A 259 -3.59 3.77 8.80
C TRP A 259 -4.74 4.47 9.52
N THR A 260 -5.56 3.71 10.25
CA THR A 260 -6.76 4.25 10.91
C THR A 260 -6.89 3.90 12.39
N GLY A 261 -7.34 4.87 13.18
CA GLY A 261 -7.75 4.62 14.58
C GLY A 261 -9.24 4.31 14.67
N GLY A 262 -9.88 4.13 13.52
CA GLY A 262 -11.29 3.80 13.49
C GLY A 262 -12.22 4.99 13.65
N TRP A 263 -13.52 4.71 13.70
CA TRP A 263 -14.54 5.75 13.76
C TRP A 263 -15.84 5.13 14.30
N GLY A 264 -16.93 5.88 14.27
CA GLY A 264 -18.19 5.42 14.87
C GLY A 264 -18.67 4.09 14.30
N GLY A 265 -18.76 3.08 15.17
CA GLY A 265 -19.17 1.75 14.74
C GLY A 265 -18.11 0.93 14.03
N TYR A 266 -16.91 1.47 13.91
CA TYR A 266 -15.82 0.81 13.20
C TYR A 266 -14.66 0.76 14.18
N ASP A 267 -14.70 -0.23 15.04
CA ASP A 267 -13.89 -0.25 16.23
C ASP A 267 -12.71 -1.18 16.00
N VAL A 268 -11.65 -0.61 15.46
CA VAL A 268 -10.44 -1.35 15.12
C VAL A 268 -9.63 -1.65 16.39
N ALA A 269 -8.75 -2.65 16.32
CA ALA A 269 -7.78 -2.92 17.38
C ALA A 269 -6.83 -1.74 17.53
N SER A 270 -6.37 -1.46 18.75
CA SER A 270 -5.37 -0.42 18.95
C SER A 270 -4.01 -0.91 18.46
N SER A 271 -3.13 0.03 18.13
CA SER A 271 -1.76 -0.34 17.80
C SER A 271 -1.05 -0.95 19.02
N LYS A 272 -1.53 -0.66 20.21
CA LYS A 272 -1.00 -1.26 21.44
C LYS A 272 -1.26 -2.77 21.44
N LEU A 273 -2.50 -3.16 21.16
CA LEU A 273 -2.85 -4.57 21.09
C LEU A 273 -2.04 -5.29 20.00
N LEU A 274 -1.96 -4.68 18.82
CA LEU A 274 -1.27 -5.28 17.70
C LEU A 274 0.22 -5.49 17.97
N ALA A 275 0.86 -4.45 18.53
CA ALA A 275 2.26 -4.53 18.89
C ALA A 275 2.50 -5.58 19.98
N GLU A 276 1.57 -5.67 20.94
CA GLU A 276 1.72 -6.66 22.01
C GLU A 276 1.52 -8.10 21.53
N LYS A 277 0.78 -8.26 20.44
N LYS A 277 0.77 -8.27 20.45
CA LYS A 277 0.64 -9.56 19.77
CA LYS A 277 0.64 -9.56 19.80
C LYS A 277 1.93 -9.95 19.05
C LYS A 277 1.94 -9.96 19.06
N GLY A 278 2.82 -8.98 18.82
CA GLY A 278 4.09 -9.20 18.16
C GLY A 278 4.25 -8.59 16.77
N HIS A 279 3.21 -7.91 16.27
CA HIS A 279 3.28 -7.29 14.93
C HIS A 279 4.17 -6.05 14.90
N GLN A 280 5.10 -6.00 13.94
CA GLN A 280 5.80 -4.77 13.63
C GLN A 280 4.79 -3.75 13.06
N ILE A 281 5.02 -2.48 13.32
CA ILE A 281 4.07 -1.41 12.96
C ILE A 281 4.69 -0.37 12.02
N LEU A 282 4.08 -0.21 10.85
CA LEU A 282 4.44 0.89 9.96
C LEU A 282 3.39 1.99 10.13
N ASN A 283 3.82 3.13 10.67
CA ASN A 283 2.90 4.25 10.88
C ASN A 283 2.43 4.81 9.54
N THR A 284 1.14 4.67 9.25
CA THR A 284 0.60 5.09 7.95
C THR A 284 -0.58 6.03 8.19
N ASN A 285 -0.44 6.85 9.24
CA ASN A 285 -1.51 7.69 9.77
C ASN A 285 -2.28 8.38 8.65
N ASP A 286 -3.60 8.18 8.61
CA ASP A 286 -4.42 8.79 7.56
C ASP A 286 -4.61 10.31 7.67
N ALA A 287 -4.09 10.90 8.75
CA ALA A 287 -3.98 12.36 8.82
C ALA A 287 -3.17 12.93 7.64
N TRP A 288 -2.27 12.12 7.09
CA TRP A 288 -1.36 12.59 6.03
C TRP A 288 -1.87 12.33 4.62
N TYR A 289 -3.03 11.69 4.51
CA TYR A 289 -3.57 11.22 3.22
C TYR A 289 -3.80 12.36 2.22
N TYR A 290 -3.54 12.06 0.95
CA TYR A 290 -3.86 12.97 -0.16
C TYR A 290 -4.55 12.16 -1.24
N VAL A 291 -5.76 12.57 -1.59
CA VAL A 291 -6.52 11.98 -2.68
C VAL A 291 -6.46 12.94 -3.86
N LEU A 292 -5.96 12.45 -4.99
CA LEU A 292 -5.81 13.24 -6.20
C LEU A 292 -7.10 13.97 -6.58
N GLY A 293 -6.97 15.24 -6.92
CA GLY A 293 -8.13 16.06 -7.31
C GLY A 293 -8.85 16.74 -6.16
N ARG A 294 -8.46 16.42 -4.92
CA ARG A 294 -8.95 17.11 -3.73
C ARG A 294 -7.80 17.95 -3.17
N ASN A 295 -7.92 19.28 -3.33
CA ASN A 295 -6.80 20.20 -3.05
C ASN A 295 -6.98 21.11 -1.83
N ALA A 296 -8.23 21.48 -1.54
CA ALA A 296 -8.50 22.42 -0.46
C ALA A 296 -9.66 21.97 0.41
N ASP A 297 -9.80 22.62 1.57
CA ASP A 297 -10.87 22.32 2.51
C ASP A 297 -12.23 22.48 1.83
N GLY A 298 -13.12 21.54 2.08
CA GLY A 298 -14.41 21.51 1.41
C GLY A 298 -14.47 20.58 0.21
N GLN A 299 -13.30 20.25 -0.36
CA GLN A 299 -13.24 19.27 -1.47
C GLN A 299 -13.30 17.82 -1.01
N GLY A 300 -13.45 17.61 0.31
CA GLY A 300 -13.66 16.28 0.86
C GLY A 300 -12.47 15.75 1.62
N GLY A 301 -12.63 14.54 2.16
CA GLY A 301 -11.60 13.86 2.95
C GLY A 301 -10.38 13.56 2.11
N GLY A 302 -9.20 13.70 2.70
CA GLY A 302 -7.95 13.48 1.97
C GLY A 302 -7.57 14.62 1.03
N ASN A 303 -8.22 15.77 1.13
CA ASN A 303 -7.79 16.91 0.33
C ASN A 303 -6.37 17.33 0.73
N LEU A 304 -5.64 17.91 -0.22
CA LEU A 304 -4.21 18.23 -0.04
C LEU A 304 -3.93 19.07 1.21
N ASP A 305 -4.66 20.18 1.36
CA ASP A 305 -4.48 21.07 2.51
C ASP A 305 -4.76 20.35 3.83
N GLN A 306 -5.73 19.44 3.83
CA GLN A 306 -5.98 18.60 5.01
C GLN A 306 -4.76 17.72 5.32
N GLY A 307 -4.22 17.08 4.29
CA GLY A 307 -3.03 16.23 4.41
C GLY A 307 -1.81 17.01 4.90
N LEU A 308 -1.61 18.20 4.34
CA LEU A 308 -0.50 19.08 4.74
C LEU A 308 -0.65 19.53 6.19
N ASN A 309 -1.89 19.77 6.61
CA ASN A 309 -2.16 20.08 8.02
C ASN A 309 -1.95 18.91 8.95
N GLY A 310 -2.43 17.73 8.54
CA GLY A 310 -2.16 16.50 9.29
C GLY A 310 -0.67 16.28 9.46
N ILE A 311 0.08 16.52 8.38
CA ILE A 311 1.54 16.37 8.42
C ILE A 311 2.19 17.32 9.44
N LYS A 312 1.72 18.57 9.46
CA LYS A 312 2.21 19.57 10.41
C LYS A 312 1.84 19.22 11.86
N ASN A 313 0.64 18.69 12.04
CA ASN A 313 0.08 18.48 13.39
C ASN A 313 0.38 17.12 14.02
N THR A 314 0.66 16.14 13.15
CA THR A 314 0.83 14.75 13.58
C THR A 314 2.12 14.21 12.99
N PRO A 315 3.20 14.17 13.82
CA PRO A 315 4.51 13.74 13.32
C PRO A 315 4.58 12.24 13.10
N ILE A 316 5.64 11.81 12.43
CA ILE A 316 5.89 10.40 12.11
C ILE A 316 5.83 9.46 13.33
N THR A 317 6.08 10.01 14.51
CA THR A 317 6.13 9.24 15.76
C THR A 317 4.75 9.05 16.40
N SER A 318 3.73 9.70 15.83
CA SER A 318 2.39 9.67 16.40
C SER A 318 1.50 8.69 15.62
N VAL A 319 1.28 7.52 16.24
CA VAL A 319 0.65 6.35 15.62
C VAL A 319 -0.84 6.39 15.95
N PRO A 320 -1.71 5.90 15.04
CA PRO A 320 -3.13 5.85 15.39
C PRO A 320 -3.43 4.91 16.58
N LYS A 321 -4.36 5.34 17.44
CA LYS A 321 -4.92 4.52 18.53
C LYS A 321 -3.85 3.76 19.36
N THR A 322 -3.03 4.54 20.09
CA THR A 322 -1.92 3.98 20.88
C THR A 322 -2.33 3.57 22.30
N GLU A 323 -3.51 3.99 22.75
CA GLU A 323 -3.90 3.92 24.17
C GLU A 323 -2.92 4.68 25.07
N GLY A 324 -2.17 5.61 24.48
CA GLY A 324 -1.14 6.35 25.20
C GLY A 324 0.15 5.59 25.46
N ALA A 325 0.25 4.36 24.94
CA ALA A 325 1.46 3.54 25.10
C ALA A 325 2.54 3.93 24.12
N ASP A 326 3.78 3.52 24.42
CA ASP A 326 4.92 3.75 23.55
C ASP A 326 4.95 2.63 22.52
N ILE A 327 4.47 2.91 21.32
CA ILE A 327 4.44 1.93 20.24
C ILE A 327 5.72 2.03 19.41
N PRO A 328 6.50 0.93 19.33
CA PRO A 328 7.65 0.97 18.43
C PRO A 328 7.21 0.80 16.97
N ILE A 329 7.86 1.56 16.09
CA ILE A 329 7.50 1.57 14.67
C ILE A 329 8.74 1.28 13.82
N ILE A 330 8.54 0.70 12.65
CA ILE A 330 9.66 0.48 11.73
C ILE A 330 9.91 1.74 10.90
N GLY A 331 9.03 2.73 11.07
CA GLY A 331 9.07 3.97 10.29
C GLY A 331 7.66 4.44 9.94
N GLY A 332 7.57 5.29 8.91
CA GLY A 332 6.30 5.93 8.58
C GLY A 332 6.06 6.03 7.08
N MET A 333 4.80 6.07 6.69
CA MET A 333 4.43 6.09 5.29
C MET A 333 3.36 7.13 5.02
N VAL A 334 3.67 8.02 4.09
CA VAL A 334 2.73 9.03 3.62
C VAL A 334 2.12 8.55 2.30
N ALA A 335 0.79 8.61 2.19
CA ALA A 335 0.07 7.99 1.10
C ALA A 335 -0.75 8.93 0.21
N ALA A 336 -0.53 8.81 -1.10
CA ALA A 336 -1.32 9.48 -2.12
C ALA A 336 -2.18 8.45 -2.83
N TRP A 337 -3.45 8.78 -3.00
CA TRP A 337 -4.49 7.85 -3.45
C TRP A 337 -5.24 8.40 -4.66
N ALA A 338 -5.83 7.50 -5.45
CA ALA A 338 -6.52 7.92 -6.64
C ALA A 338 -7.99 7.48 -6.66
N ASP A 339 -8.70 7.71 -5.54
CA ASP A 339 -10.12 7.32 -5.38
C ASP A 339 -10.96 7.66 -6.61
N THR A 340 -10.68 8.83 -7.19
CA THR A 340 -11.29 9.25 -8.44
C THR A 340 -10.17 9.24 -9.47
N PRO A 341 -9.99 8.08 -10.15
CA PRO A 341 -8.76 7.86 -10.92
C PRO A 341 -8.65 8.71 -12.18
N SER A 342 -9.73 9.34 -12.59
CA SER A 342 -9.69 10.25 -13.72
C SER A 342 -9.16 11.63 -13.36
N ALA A 343 -9.04 11.93 -12.06
CA ALA A 343 -8.40 13.18 -11.64
C ALA A 343 -7.01 13.30 -12.24
N ARG A 344 -6.56 14.53 -12.49
CA ARG A 344 -5.24 14.74 -13.04
C ARG A 344 -4.17 14.50 -11.98
N TYR A 345 -3.19 13.66 -12.30
CA TYR A 345 -2.00 13.54 -11.46
C TYR A 345 -1.14 14.82 -11.54
N SER A 346 -0.88 15.42 -10.38
CA SER A 346 -0.04 16.62 -10.30
C SER A 346 1.28 16.30 -9.59
N PRO A 347 2.38 16.17 -10.36
CA PRO A 347 3.69 15.96 -9.73
C PRO A 347 4.03 17.01 -8.67
N SER A 348 3.81 18.29 -8.95
CA SER A 348 4.17 19.34 -7.98
C SER A 348 3.41 19.22 -6.65
N ARG A 349 2.13 18.87 -6.72
N ARG A 349 2.13 18.86 -6.72
CA ARG A 349 1.31 18.66 -5.53
CA ARG A 349 1.32 18.67 -5.52
C ARG A 349 1.78 17.46 -4.72
C ARG A 349 1.76 17.45 -4.70
N LEU A 350 2.09 16.36 -5.40
CA LEU A 350 2.62 15.16 -4.73
C LEU A 350 3.97 15.47 -4.07
N PHE A 351 4.85 16.17 -4.80
CA PHE A 351 6.16 16.50 -4.24
C PHE A 351 6.04 17.47 -3.08
N LYS A 352 5.07 18.37 -3.13
CA LYS A 352 4.77 19.25 -1.99
C LYS A 352 4.40 18.45 -0.74
N LEU A 353 3.52 17.45 -0.88
CA LEU A 353 3.18 16.54 0.21
C LEU A 353 4.45 15.85 0.74
N MET A 354 5.23 15.28 -0.17
CA MET A 354 6.44 14.53 0.20
C MET A 354 7.46 15.42 0.92
N ARG A 355 7.68 16.61 0.37
CA ARG A 355 8.57 17.61 0.96
C ARG A 355 8.13 17.99 2.37
N HIS A 356 6.84 18.26 2.55
CA HIS A 356 6.30 18.65 3.85
C HIS A 356 6.49 17.55 4.90
N PHE A 357 6.24 16.30 4.51
CA PHE A 357 6.39 15.15 5.41
C PHE A 357 7.86 15.01 5.86
N ALA A 358 8.78 15.20 4.91
CA ALA A 358 10.20 15.17 5.20
C ALA A 358 10.59 16.34 6.11
N ASN A 359 10.23 17.57 5.72
CA ASN A 359 10.55 18.77 6.53
C ASN A 359 9.89 18.82 7.92
N ALA A 360 8.68 18.28 8.05
CA ALA A 360 8.01 18.24 9.36
C ALA A 360 8.59 17.16 10.27
N ASN A 361 9.37 16.24 9.72
CA ASN A 361 10.02 15.19 10.52
C ASN A 361 11.52 15.12 10.21
N ALA A 362 12.15 16.31 10.19
CA ALA A 362 13.47 16.52 9.58
C ALA A 362 14.59 15.64 10.12
N GLU A 363 14.51 15.31 11.40
CA GLU A 363 15.50 14.48 12.06
C GLU A 363 15.45 13.02 11.61
N TYR A 364 14.35 12.62 11.00
CA TYR A 364 14.19 11.27 10.49
C TYR A 364 14.70 11.09 9.07
N PHE A 365 14.86 12.18 8.33
CA PHE A 365 15.18 12.08 6.91
C PHE A 365 16.63 12.46 6.63
N ALA A 366 17.35 11.57 5.95
CA ALA A 366 18.72 11.83 5.51
C ALA A 366 18.79 13.16 4.79
N ALA A 367 19.85 13.92 5.09
CA ALA A 367 20.07 15.23 4.49
C ALA A 367 20.29 15.09 2.98
N ASP A 368 20.12 16.20 2.27
CA ASP A 368 20.25 16.23 0.82
C ASP A 368 21.70 16.49 0.41
N TYR A 369 22.40 15.43 0.04
CA TYR A 369 23.79 15.50 -0.42
C TYR A 369 23.88 15.66 -1.94
N GLU A 370 22.77 15.42 -2.63
CA GLU A 370 22.71 15.57 -4.10
C GLU A 370 23.04 16.99 -4.54
N SER A 371 22.54 17.97 -3.81
CA SER A 371 22.84 19.38 -4.07
C SER A 371 24.34 19.67 -4.01
N ALA A 372 24.99 19.11 -2.98
CA ALA A 372 26.43 19.25 -2.77
C ALA A 372 27.25 18.57 -3.86
N GLU A 373 26.86 17.35 -4.23
CA GLU A 373 27.49 16.63 -5.35
C GLU A 373 27.39 17.44 -6.63
N GLN A 374 26.18 17.97 -6.90
CA GLN A 374 25.91 18.77 -8.09
C GLN A 374 26.81 20.00 -8.17
N ALA A 375 26.98 20.67 -7.03
CA ALA A 375 27.80 21.89 -6.96
C ALA A 375 29.27 21.63 -7.27
N LEU A 376 29.82 20.56 -6.69
CA LEU A 376 31.20 20.13 -6.93
C LEU A 376 31.46 19.86 -8.41
N ASN A 377 30.46 19.29 -9.08
CA ASN A 377 30.55 18.99 -10.50
C ASN A 377 30.52 20.23 -11.39
N GLU A 378 29.75 21.23 -10.97
CA GLU A 378 29.60 22.49 -11.70
C GLU A 378 30.81 23.43 -11.58
N VAL A 379 31.82 22.99 -10.84
CA VAL A 379 33.08 23.73 -10.72
C VAL A 379 33.86 23.57 -12.03
N PRO A 380 34.20 24.69 -12.70
CA PRO A 380 34.93 24.67 -13.97
C PRO A 380 36.02 23.59 -13.95
N LYS A 381 35.98 22.71 -14.93
CA LYS A 381 36.75 21.46 -14.90
C LYS A 381 38.21 21.56 -15.37
N ASP A 382 38.61 22.73 -15.86
CA ASP A 382 40.00 22.97 -16.29
C ASP A 382 40.63 24.17 -15.59
N ALA A 400 35.55 22.20 2.18
CA ALA A 400 34.50 21.98 3.17
C ALA A 400 33.62 20.77 2.80
N ILE A 401 32.89 20.89 1.69
CA ILE A 401 31.89 19.91 1.24
C ILE A 401 32.28 18.43 1.42
N ARG A 402 33.53 18.10 1.09
CA ARG A 402 33.98 16.71 1.11
C ARG A 402 34.15 16.16 2.53
N SER A 403 34.42 17.04 3.48
CA SER A 403 34.75 16.64 4.86
C SER A 403 33.57 16.55 5.82
N LEU A 404 32.50 17.33 5.57
CA LEU A 404 31.29 17.24 6.40
C LEU A 404 30.70 15.84 6.31
N ASP A 405 30.34 15.28 7.47
CA ASP A 405 30.01 13.86 7.56
C ASP A 405 28.74 13.51 6.79
N SER A 406 28.78 12.36 6.11
CA SER A 406 27.70 11.92 5.23
C SER A 406 26.50 11.37 6.01
N ASN A 407 26.26 11.92 7.20
CA ASN A 407 25.27 11.32 8.11
C ASN A 407 24.35 12.31 8.83
N LEU A 408 24.24 13.51 8.26
CA LEU A 408 23.32 14.53 8.74
C LEU A 408 21.87 14.22 8.33
N SER A 409 20.93 14.84 9.05
CA SER A 409 19.52 14.76 8.70
C SER A 409 19.11 16.08 8.06
N ARG A 410 17.88 16.14 7.56
CA ARG A 410 17.33 17.37 7.00
C ARG A 410 17.27 18.52 8.02
N ALA A 411 17.28 18.19 9.31
CA ALA A 411 17.34 19.18 10.37
C ALA A 411 18.63 20.01 10.32
N GLN A 412 19.70 19.38 9.84
CA GLN A 412 20.99 20.06 9.69
C GLN A 412 21.24 20.44 8.24
N GLN A 413 20.18 20.60 7.44
CA GLN A 413 20.30 20.84 6.00
C GLN A 413 21.02 22.12 5.63
N ASP A 414 20.72 23.22 6.32
CA ASP A 414 21.28 24.52 5.95
C ASP A 414 22.81 24.59 6.13
N THR A 415 23.36 23.70 6.97
CA THR A 415 24.81 23.47 7.03
C THR A 415 25.35 23.18 5.63
N ILE A 416 24.77 22.15 4.99
CA ILE A 416 25.12 21.75 3.63
C ILE A 416 24.84 22.88 2.63
N ASP A 417 23.73 23.58 2.83
CA ASP A 417 23.35 24.67 1.94
C ASP A 417 24.22 25.93 2.11
N GLN A 418 24.99 25.97 3.20
CA GLN A 418 26.01 27.00 3.43
C GLN A 418 27.28 26.65 2.67
N ALA A 419 27.62 25.35 2.65
CA ALA A 419 28.78 24.85 1.92
C ALA A 419 28.59 24.94 0.39
N ILE A 420 27.33 25.01 -0.04
CA ILE A 420 26.97 25.20 -1.45
C ILE A 420 26.84 26.70 -1.76
N ALA A 421 26.72 27.51 -0.71
CA ALA A 421 26.77 28.96 -0.84
C ALA A 421 28.20 29.45 -1.11
N LYS A 422 29.15 28.52 -1.23
CA LYS A 422 30.51 28.82 -1.65
C LYS A 422 30.52 29.35 -3.08
N LEU A 423 30.23 28.47 -4.04
CA LEU A 423 30.06 28.83 -5.47
C LEU A 423 31.24 29.58 -6.11
N GLN A 424 31.62 30.71 -5.51
CA GLN A 424 32.80 31.46 -5.95
C GLN A 424 34.00 31.02 -5.15
N GLU A 425 34.90 30.28 -5.82
CA GLU A 425 36.05 29.62 -5.18
C GLU A 425 35.62 28.51 -4.23
#